data_2O82
#
_entry.id   2O82
#
loop_
_entity.id
_entity.type
_entity.pdbx_description
1 polymer "5'-D(*CP*CP*AP*AP*AP*GP*(AAB)P*AP*CP*CP*GP*GP*G)-3'"
2 polymer "5'-D(*CP*CP*CP*GP*GP*TP*CP*CP*TP*TP*TP*GP*G)-3'"
#
loop_
_entity_poly.entity_id
_entity_poly.type
_entity_poly.pdbx_seq_one_letter_code
_entity_poly.pdbx_strand_id
1 'polydeoxyribonucleotide' (DC)(DC)(DA)(DA)(DA)(DG)(AAB)(DA)(DC)(DC)(DG)(DG)(DG) A
2 'polydeoxyribonucleotide' (DC)(DC)(DC)(DG)(DG)(DT)(DC)(DC)(DT)(DT)(DT)(DG)(DG) B
#
loop_
_chem_comp.id
_chem_comp.type
_chem_comp.name
_chem_comp.formula
AAB DNA linking 2'-DEOXY-RIBOFURANOSE-5'-MONOPHOSPHATE 'C5 H11 O7 P'
DA DNA linking 2'-DEOXYADENOSINE-5'-MONOPHOSPHATE 'C10 H14 N5 O6 P'
DC DNA linking 2'-DEOXYCYTIDINE-5'-MONOPHOSPHATE 'C9 H14 N3 O7 P'
DG DNA linking 2'-DEOXYGUANOSINE-5'-MONOPHOSPHATE 'C10 H14 N5 O7 P'
DT DNA linking THYMIDINE-5'-MONOPHOSPHATE 'C10 H15 N2 O8 P'
#
# COMPACT_ATOMS: atom_id res chain seq x y z
P AAB A 7 0.59 1.05 -3.04
O2P AAB A 7 -0.26 0.38 -4.07
O3P AAB A 7 2.05 0.83 -2.99
O5' AAB A 7 -0.03 0.70 -1.55
C5' AAB A 7 0.20 -0.53 -0.90
C4' AAB A 7 -0.38 -0.41 0.57
O4' AAB A 7 0.46 0.45 1.29
C1' AAB A 7 -0.39 1.16 2.19
O1' AAB A 7 0.36 2.29 2.54
C2' AAB A 7 -1.62 1.43 1.43
C3' AAB A 7 -1.79 0.12 0.67
O3' AAB A 7 -2.64 -0.76 1.46
H5'1 AAB A 7 1.24 -0.81 -0.99
H5'2 AAB A 7 -0.36 -1.28 -1.48
H4' AAB A 7 -0.41 -1.33 1.14
H1' AAB A 7 -0.66 0.61 3.08
HO1' AAB A 7 0.92 2.50 1.77
H2'1 AAB A 7 -1.42 2.27 0.73
H2'2 AAB A 7 -2.42 1.49 2.24
H3' AAB A 7 -2.25 0.27 -0.31
P AAB A 7 1.66 1.51 -2.77
O2P AAB A 7 1.15 0.88 -3.99
O3P AAB A 7 3.08 1.38 -2.57
O5' AAB A 7 0.99 0.79 -1.49
C5' AAB A 7 1.07 -0.56 -1.44
C4' AAB A 7 0.44 -1.20 -0.15
O4' AAB A 7 1.02 -0.80 1.09
C1' AAB A 7 0.04 -0.17 1.89
O1' AAB A 7 0.42 0.89 2.74
C2' AAB A 7 -0.97 0.37 0.90
C3' AAB A 7 -1.06 -0.74 -0.16
O3' AAB A 7 -1.75 -1.91 0.23
H5'1 AAB A 7 2.10 -0.89 -1.66
H5'2 AAB A 7 0.48 -0.82 -2.28
H4' AAB A 7 0.51 -2.28 -0.22
H1' AAB A 7 -0.55 -0.93 2.50
HO1' AAB A 7 -0.23 0.95 3.46
H2'1 AAB A 7 -0.63 1.24 0.51
H2'2 AAB A 7 -1.93 0.49 1.40
H3' AAB A 7 -1.35 -0.36 -1.09
P AAB A 7 0.52 0.88 -3.41
O2P AAB A 7 -0.39 0.13 -4.29
O3P AAB A 7 2.01 0.61 -3.51
O5' AAB A 7 -0.02 0.71 -1.83
C5' AAB A 7 0.07 -0.63 -1.19
C4' AAB A 7 -0.41 -0.66 0.26
O4' AAB A 7 0.41 0.19 1.12
C1' AAB A 7 -0.39 0.86 2.00
O1' AAB A 7 0.24 1.94 2.65
C2' AAB A 7 -1.66 1.17 1.22
C3' AAB A 7 -1.81 -0.22 0.44
O3' AAB A 7 -2.50 -1.13 1.26
H5'1 AAB A 7 1.09 -0.91 -1.15
H5'2 AAB A 7 -0.42 -1.45 -1.76
H4' AAB A 7 -0.18 -1.68 0.60
H1' AAB A 7 -0.58 0.16 2.81
HO1' AAB A 7 0.47 1.61 3.56
H2'1 AAB A 7 -1.38 2.01 0.58
H2'2 AAB A 7 -2.52 1.29 1.93
H3' AAB A 7 -2.34 -0.05 -0.56
P AAB A 7 0.75 0.83 -3.27
O2P AAB A 7 0.01 0.20 -4.40
O3P AAB A 7 2.19 0.58 -3.32
O5' AAB A 7 0.23 0.37 -1.82
C5' AAB A 7 0.37 -0.93 -1.26
C4' AAB A 7 -0.10 -0.84 0.20
O4' AAB A 7 0.76 0.08 0.84
C1' AAB A 7 -0.08 0.74 1.76
O1' AAB A 7 0.49 1.94 2.21
C2' AAB A 7 -1.45 0.90 1.12
C3' AAB A 7 -1.61 -0.43 0.34
O3' AAB A 7 -2.46 -1.23 1.18
H5'1 AAB A 7 1.40 -1.31 -1.37
H5'2 AAB A 7 -0.32 -1.62 -1.76
H4' AAB A 7 0.00 -1.84 0.74
H1' AAB A 7 -0.14 0.06 2.67
HO1' AAB A 7 0.55 1.92 3.18
H2'1 AAB A 7 -1.49 1.83 0.51
H2'2 AAB A 7 -2.33 0.89 1.85
H3' AAB A 7 -2.10 -0.30 -0.64
P AAB A 7 1.12 0.89 -3.20
O2P AAB A 7 0.37 0.15 -4.28
O3P AAB A 7 2.62 0.82 -3.13
O5' AAB A 7 0.47 0.48 -1.81
C5' AAB A 7 0.68 -0.77 -1.27
C4' AAB A 7 0.03 -0.99 0.09
O4' AAB A 7 0.83 -0.20 0.91
C1' AAB A 7 -0.01 0.50 1.79
O1' AAB A 7 0.52 1.69 2.42
C2' AAB A 7 -1.26 0.89 0.95
C3' AAB A 7 -1.40 -0.40 0.12
O3' AAB A 7 -2.17 -1.38 0.79
H5'1 AAB A 7 1.78 -0.79 -1.12
H5'2 AAB A 7 0.35 -1.55 -1.95
H4' AAB A 7 -0.02 -1.99 0.47
H1' AAB A 7 -0.31 -0.17 2.64
HO1' AAB A 7 1.34 1.41 2.88
H2'1 AAB A 7 -0.94 1.76 0.36
H2'2 AAB A 7 -2.25 1.03 1.49
H3' AAB A 7 -1.94 -0.30 -0.82
P AAB A 7 1.43 1.04 -3.14
O2P AAB A 7 0.83 0.23 -4.17
O3P AAB A 7 2.91 1.06 -3.03
O5' AAB A 7 0.78 0.70 -1.72
C5' AAB A 7 0.93 -0.68 -1.35
C4' AAB A 7 0.26 -0.98 -0.01
O4' AAB A 7 0.79 -0.44 1.22
C1' AAB A 7 -0.25 0.09 1.95
O1' AAB A 7 0.30 1.10 2.78
C2' AAB A 7 -1.30 0.62 0.85
C3' AAB A 7 -1.27 -0.60 -0.12
O3' AAB A 7 -2.09 -1.56 0.52
H5'1 AAB A 7 2.02 -0.91 -1.23
H5'2 AAB A 7 0.50 -1.31 -2.11
H4' AAB A 7 0.38 -2.06 0.15
H1' AAB A 7 -0.66 -0.71 2.59
HO1' AAB A 7 1.24 1.10 2.53
H2'1 AAB A 7 -0.79 1.47 0.34
H2'2 AAB A 7 -2.37 0.76 1.22
H3' AAB A 7 -1.71 -0.37 -1.10
P AAB A 7 1.57 1.22 -3.13
O2P AAB A 7 0.92 0.69 -4.38
O3P AAB A 7 3.06 1.23 -3.03
O5' AAB A 7 0.91 0.55 -1.79
C5' AAB A 7 1.07 -0.83 -1.28
C4' AAB A 7 0.40 -1.13 0.07
O4' AAB A 7 1.07 -0.31 1.00
C1' AAB A 7 0.11 -0.05 2.08
O1' AAB A 7 0.39 1.10 2.89
C2' AAB A 7 -1.08 0.35 1.25
C3' AAB A 7 -1.08 -0.72 0.13
O3' AAB A 7 -1.90 -1.84 0.43
H5'1 AAB A 7 2.12 -1.12 -1.29
H5'2 AAB A 7 0.69 -1.48 -2.05
H4' AAB A 7 0.52 -2.15 0.34
H1' AAB A 7 -0.06 -0.99 2.65
HO1' AAB A 7 0.14 0.76 3.77
H2'1 AAB A 7 -0.79 1.34 0.88
H2'2 AAB A 7 -2.08 0.26 1.76
H3' AAB A 7 -1.36 -0.32 -0.80
P AAB A 7 1.53 1.16 -3.00
O2P AAB A 7 0.61 0.39 -3.97
O3P AAB A 7 2.96 1.10 -3.32
O5' AAB A 7 1.40 0.66 -1.47
C5' AAB A 7 1.46 -0.72 -1.21
C4' AAB A 7 0.52 -1.17 -0.10
O4' AAB A 7 1.02 -0.75 1.13
C1' AAB A 7 -0.01 -0.41 1.96
O1' AAB A 7 0.46 0.56 2.94
C2' AAB A 7 -0.99 0.22 1.02
C3' AAB A 7 -0.96 -0.72 -0.19
O3' AAB A 7 -1.94 -1.71 0.19
H5'1 AAB A 7 2.48 -1.00 -0.93
H5'2 AAB A 7 1.15 -1.36 -2.05
H4' AAB A 7 0.55 -2.23 -0.04
H1' AAB A 7 -0.48 -1.28 2.49
HO1' AAB A 7 1.13 1.06 2.45
H2'1 AAB A 7 -0.53 1.21 0.72
H2'2 AAB A 7 -1.94 0.30 1.48
H3' AAB A 7 -1.24 -0.28 -1.13
P AAB A 7 1.72 1.22 -2.91
O2P AAB A 7 1.04 0.59 -4.06
O3P AAB A 7 3.19 1.22 -2.77
O5' AAB A 7 1.05 0.62 -1.58
C5' AAB A 7 1.18 -0.75 -1.33
C4' AAB A 7 0.41 -1.29 -0.08
O4' AAB A 7 1.04 -0.74 1.11
C1' AAB A 7 0.06 -0.37 1.96
O1' AAB A 7 0.57 0.55 2.88
C2' AAB A 7 -1.04 0.11 1.00
C3' AAB A 7 -1.08 -0.88 -0.19
O3' AAB A 7 -1.89 -2.04 0.05
H5'1 AAB A 7 2.23 -1.01 -1.23
H5'2 AAB A 7 0.78 -1.28 -2.20
H4' AAB A 7 0.39 -2.36 -0.03
H1' AAB A 7 -0.38 -1.25 2.48
HO1' AAB A 7 0.76 -0.11 3.57
H2'1 AAB A 7 -0.81 1.10 0.63
H2'2 AAB A 7 -1.98 0.03 1.53
H3' AAB A 7 -1.29 -0.46 -1.12
P AAB A 7 1.76 1.43 -2.79
O2P AAB A 7 1.34 0.94 -4.10
O3P AAB A 7 3.24 1.48 -2.51
O5' AAB A 7 0.93 0.70 -1.64
C5' AAB A 7 1.05 -0.71 -1.43
C4' AAB A 7 0.31 -1.22 -0.26
O4' AAB A 7 0.87 -0.66 0.91
C1' AAB A 7 -0.16 -0.63 1.86
O1' AAB A 7 0.16 0.20 2.92
C2' AAB A 7 -1.34 -0.12 1.08
C3' AAB A 7 -1.18 -1.03 -0.18
O3' AAB A 7 -1.97 -2.14 0.18
H5'1 AAB A 7 2.07 -0.98 -1.19
H5'2 AAB A 7 0.79 -1.24 -2.34
H4' AAB A 7 0.56 -2.25 -0.29
H1' AAB A 7 -0.40 -1.62 2.34
HO1' AAB A 7 0.68 -0.39 3.51
H2'1 AAB A 7 -1.21 0.98 0.80
H2'2 AAB A 7 -2.22 -0.26 1.63
H3' AAB A 7 -1.58 -0.50 -1.12
P AAB A 7 2.84 1.27 -0.94
O2P AAB A 7 2.39 1.35 -2.34
O3P AAB A 7 4.26 1.06 -0.61
O5' AAB A 7 1.98 0.19 -0.23
C5' AAB A 7 0.61 0.16 -0.48
C4' AAB A 7 -0.14 -0.35 0.73
O4' AAB A 7 0.15 0.43 1.88
C1' AAB A 7 -1.04 0.51 2.61
O1' AAB A 7 -0.98 1.52 3.58
C2' AAB A 7 -2.07 0.81 1.55
C3' AAB A 7 -1.66 -0.21 0.50
O3' AAB A 7 -2.32 -1.43 0.76
H5'1 AAB A 7 0.45 -0.50 -1.33
H5'2 AAB A 7 0.23 1.14 -0.74
H4' AAB A 7 0.12 -1.38 0.91
H1' AAB A 7 -1.25 -0.44 3.09
HO1' AAB A 7 -0.38 2.17 3.21
H2'1 AAB A 7 -1.95 1.82 1.16
H2'2 AAB A 7 -3.08 0.65 1.91
H3' AAB A 7 -1.89 0.17 -0.50
#